data_6N3H
#
_entry.id   6N3H
#
_cell.length_a   77.196
_cell.length_b   61.885
_cell.length_c   87.339
_cell.angle_alpha   90.000
_cell.angle_beta   95.180
_cell.angle_gamma   90.000
#
_symmetry.space_group_name_H-M   'P 1 21 1'
#
loop_
_entity.id
_entity.type
_entity.pdbx_description
1 polymer 'Influenza virus NS1A-binding protein'
2 water water
#
_entity_poly.entity_id   1
_entity_poly.type   'polypeptide(L)'
_entity_poly.pdbx_seq_one_letter_code
;MNSPQSSPTSTPKLSKSLSFEMQQDELIEKPMSPMQYARSGLGTAEMNGKLIAAGGYNREECLRTVECYNPHTDHWSFLA
PMRTPRARFQMAVLMGQLYVVGGSNGHSDDLSCGEMYDSNIDDWIPVPELRTNRCNAGVCALNGKLYIVGGSDPYGQKGL
KNCDVFDPVTKLWTSCAPLNIRRHQSAVCELGGYLYIIGGAESWNCLNTVERYNPENNTWTLIAPMNVARRGAGVAVLNG
KLFVCGGFDGSHAISCVEMYDPTRNEWKMMGNMTSPRSNAGIATVGNTIYAVGGFDGNEFLNTVEVYNLESNEWSPYTKI
FQFLEHHHHHH
;
_entity_poly.pdbx_strand_id   A,B
#
# COMPACT_ATOMS: atom_id res chain seq x y z
N ILE A 28 -32.31 0.67 -16.52
CA ILE A 28 -31.42 -0.47 -16.63
C ILE A 28 -30.12 -0.06 -17.34
N GLU A 29 -30.24 0.88 -18.27
CA GLU A 29 -29.08 1.38 -19.01
C GLU A 29 -29.25 2.88 -19.29
N LYS A 30 -28.16 3.63 -19.14
CA LYS A 30 -28.18 5.08 -19.30
C LYS A 30 -26.83 5.62 -19.75
N PRO A 31 -26.83 6.73 -20.50
CA PRO A 31 -25.56 7.41 -20.78
C PRO A 31 -24.94 7.99 -19.51
N MET A 32 -23.65 7.76 -19.30
CA MET A 32 -22.98 8.19 -18.08
C MET A 32 -23.09 9.70 -17.86
N SER A 33 -23.22 10.08 -16.60
CA SER A 33 -23.31 11.48 -16.23
C SER A 33 -22.01 12.22 -16.55
N PRO A 34 -22.08 13.32 -17.31
CA PRO A 34 -20.85 14.08 -17.58
C PRO A 34 -20.41 14.84 -16.35
N MET A 35 -19.24 15.48 -16.40
CA MET A 35 -18.79 16.35 -15.31
C MET A 35 -19.62 17.62 -15.31
N GLN A 36 -19.50 18.42 -14.25
CA GLN A 36 -20.19 19.69 -14.19
C GLN A 36 -19.42 20.72 -15.02
N TYR A 37 -18.10 20.70 -14.90
CA TYR A 37 -17.24 21.58 -15.66
C TYR A 37 -16.55 20.83 -16.79
N ALA A 38 -16.43 21.48 -17.95
CA ALA A 38 -15.57 20.98 -19.01
C ALA A 38 -14.13 21.16 -18.58
N ARG A 39 -13.33 20.12 -18.76
CA ARG A 39 -11.93 20.14 -18.30
C ARG A 39 -10.98 19.60 -19.36
N SER A 40 -9.86 20.29 -19.50
CA SER A 40 -8.74 19.83 -20.31
C SER A 40 -7.47 20.21 -19.57
N GLY A 41 -6.40 19.44 -19.76
CA GLY A 41 -5.18 19.66 -19.01
C GLY A 41 -5.40 19.38 -17.54
N LEU A 42 -6.37 18.51 -17.25
CA LEU A 42 -6.67 18.11 -15.89
C LEU A 42 -5.76 16.98 -15.44
N GLY A 43 -5.69 16.76 -14.13
CA GLY A 43 -5.04 15.60 -13.57
C GLY A 43 -6.11 14.59 -13.18
N THR A 44 -5.84 13.30 -13.38
CA THR A 44 -6.78 12.27 -12.99
C THR A 44 -6.10 11.11 -12.27
N ALA A 45 -6.88 10.43 -11.44
CA ALA A 45 -6.36 9.32 -10.64
C ALA A 45 -7.52 8.53 -10.06
N GLU A 46 -7.24 7.30 -9.66
CA GLU A 46 -8.22 6.45 -8.98
C GLU A 46 -8.01 6.53 -7.48
N MET A 47 -9.09 6.46 -6.71
CA MET A 47 -9.00 6.42 -5.27
C MET A 47 -10.32 5.93 -4.67
N ASN A 48 -10.24 4.83 -3.93
CA ASN A 48 -11.41 4.23 -3.30
C ASN A 48 -12.48 3.85 -4.33
N GLY A 49 -12.02 3.31 -5.44
CA GLY A 49 -12.92 2.85 -6.50
C GLY A 49 -13.68 3.98 -7.17
N LYS A 50 -13.16 5.20 -7.07
CA LYS A 50 -13.78 6.37 -7.70
C LYS A 50 -12.79 7.10 -8.60
N LEU A 51 -13.31 7.76 -9.62
CA LEU A 51 -12.50 8.51 -10.57
C LEU A 51 -12.36 9.96 -10.11
N ILE A 52 -11.11 10.43 -9.98
CA ILE A 52 -10.85 11.81 -9.60
C ILE A 52 -10.49 12.64 -10.82
N ALA A 53 -11.10 13.81 -10.92
CA ALA A 53 -10.79 14.78 -11.97
C ALA A 53 -10.54 16.14 -11.33
N ALA A 54 -9.26 16.53 -11.29
CA ALA A 54 -8.86 17.76 -10.61
C ALA A 54 -8.39 18.84 -11.58
N GLY A 55 -8.96 20.03 -11.42
CA GLY A 55 -8.49 21.20 -12.15
C GLY A 55 -8.71 21.13 -13.65
N GLY A 56 -7.74 21.64 -14.40
CA GLY A 56 -7.87 21.75 -15.84
C GLY A 56 -8.40 23.12 -16.20
N TYR A 57 -8.77 23.31 -17.47
CA TYR A 57 -9.32 24.58 -17.91
C TYR A 57 -10.20 24.42 -19.13
N ASN A 58 -10.79 25.53 -19.57
CA ASN A 58 -11.63 25.56 -20.75
C ASN A 58 -11.57 26.95 -21.38
N ARG A 59 -12.43 27.21 -22.36
CA ARG A 59 -12.43 28.51 -23.04
C ARG A 59 -12.79 29.65 -22.09
N GLU A 60 -13.38 29.31 -20.95
CA GLU A 60 -13.88 30.31 -20.01
C GLU A 60 -12.88 30.65 -18.91
N GLU A 61 -12.38 29.64 -18.20
CA GLU A 61 -11.61 29.86 -16.98
C GLU A 61 -10.67 28.72 -16.62
N CYS A 62 -9.86 28.94 -15.60
CA CYS A 62 -9.03 27.91 -14.98
C CYS A 62 -9.74 27.40 -13.72
N LEU A 63 -9.60 26.10 -13.45
CA LEU A 63 -10.38 25.45 -12.40
C LEU A 63 -9.54 25.00 -11.22
N ARG A 64 -10.08 25.23 -10.02
CA ARG A 64 -9.48 24.75 -8.79
C ARG A 64 -10.34 23.65 -8.17
N THR A 65 -11.52 23.44 -8.75
CA THR A 65 -12.46 22.44 -8.25
C THR A 65 -12.00 21.02 -8.58
N VAL A 66 -12.40 20.08 -7.74
CA VAL A 66 -12.06 18.67 -7.93
C VAL A 66 -13.33 17.84 -7.93
N GLU A 67 -13.61 17.19 -9.06
CA GLU A 67 -14.83 16.38 -9.21
C GLU A 67 -14.52 14.90 -9.06
N CYS A 68 -15.51 14.13 -8.61
CA CYS A 68 -15.32 12.72 -8.30
C CYS A 68 -16.52 11.88 -8.72
N TYR A 69 -16.28 10.93 -9.63
CA TYR A 69 -17.34 10.10 -10.18
C TYR A 69 -17.49 8.78 -9.41
N ASN A 70 -18.68 8.58 -8.84
CA ASN A 70 -19.04 7.29 -8.23
C ASN A 70 -19.73 6.41 -9.28
N PRO A 71 -19.03 5.35 -9.75
CA PRO A 71 -19.65 4.55 -10.82
C PRO A 71 -20.86 3.77 -10.37
N HIS A 72 -20.91 3.43 -9.09
CA HIS A 72 -22.00 2.64 -8.54
C HIS A 72 -23.31 3.43 -8.53
N THR A 73 -23.21 4.74 -8.28
CA THR A 73 -24.38 5.60 -8.22
C THR A 73 -24.50 6.50 -9.46
N ASP A 74 -23.44 6.56 -10.26
CA ASP A 74 -23.44 7.36 -11.48
C ASP A 74 -23.68 8.84 -11.17
N HIS A 75 -23.14 9.29 -10.03
CA HIS A 75 -23.15 10.71 -9.68
C HIS A 75 -21.73 11.24 -9.61
N TRP A 76 -21.55 12.50 -10.02
CA TRP A 76 -20.32 13.23 -9.73
C TRP A 76 -20.54 14.04 -8.46
N SER A 77 -19.49 14.21 -7.67
CA SER A 77 -19.55 15.06 -6.48
C SER A 77 -18.21 15.76 -6.30
N PHE A 78 -18.20 16.80 -5.47
CA PHE A 78 -16.99 17.59 -5.26
C PHE A 78 -16.16 17.10 -4.08
N LEU A 79 -14.85 17.02 -4.28
CA LEU A 79 -13.91 16.91 -3.17
C LEU A 79 -13.49 18.32 -2.78
N ALA A 80 -12.68 18.44 -1.74
CA ALA A 80 -12.15 19.73 -1.32
C ALA A 80 -11.39 20.35 -2.48
N PRO A 81 -11.67 21.63 -2.79
CA PRO A 81 -10.96 22.24 -3.92
C PRO A 81 -9.47 22.46 -3.65
N MET A 82 -8.69 22.56 -4.71
CA MET A 82 -7.27 22.88 -4.57
C MET A 82 -7.11 24.32 -4.11
N ARG A 83 -5.98 24.63 -3.50
CA ARG A 83 -5.69 25.97 -2.99
C ARG A 83 -5.90 27.03 -4.05
N THR A 84 -5.33 26.80 -5.23
CA THR A 84 -5.44 27.74 -6.35
C THR A 84 -5.74 26.98 -7.64
N PRO A 85 -6.33 27.67 -8.64
CA PRO A 85 -6.60 27.03 -9.93
C PRO A 85 -5.33 26.49 -10.58
N ARG A 86 -5.44 25.33 -11.22
CA ARG A 86 -4.26 24.60 -11.71
C ARG A 86 -4.60 23.82 -12.97
N ALA A 87 -3.82 24.06 -14.02
CA ALA A 87 -4.02 23.38 -15.31
C ALA A 87 -2.68 23.09 -15.96
N ARG A 88 -2.68 22.18 -16.94
CA ARG A 88 -1.46 21.73 -17.60
C ARG A 88 -0.51 21.13 -16.55
N PHE A 89 -1.06 20.26 -15.71
CA PHE A 89 -0.29 19.59 -14.67
C PHE A 89 -0.62 18.11 -14.68
N GLN A 90 0.15 17.33 -13.94
CA GLN A 90 -0.12 15.90 -13.81
C GLN A 90 -0.15 15.49 -12.35
N MET A 91 -0.91 14.43 -12.09
CA MET A 91 -1.22 13.98 -10.75
C MET A 91 -0.83 12.53 -10.57
N ALA A 92 -0.25 12.21 -9.41
CA ALA A 92 0.18 10.85 -9.13
C ALA A 92 -0.31 10.40 -7.76
N VAL A 93 -0.51 9.09 -7.61
CA VAL A 93 -0.85 8.49 -6.32
C VAL A 93 0.41 7.87 -5.73
N LEU A 94 0.76 8.30 -4.53
CA LEU A 94 1.95 7.83 -3.85
C LEU A 94 1.60 7.38 -2.43
N MET A 95 1.65 6.07 -2.22
CA MET A 95 1.27 5.47 -0.94
C MET A 95 -0.13 5.92 -0.51
N GLY A 96 -1.10 5.68 -1.38
CA GLY A 96 -2.49 5.93 -1.08
C GLY A 96 -2.89 7.39 -0.98
N GLN A 97 -2.04 8.28 -1.49
CA GLN A 97 -2.32 9.73 -1.43
C GLN A 97 -1.96 10.45 -2.71
N LEU A 98 -2.85 11.37 -3.11
CA LEU A 98 -2.67 12.16 -4.32
C LEU A 98 -1.66 13.29 -4.14
N TYR A 99 -0.76 13.43 -5.11
CA TYR A 99 0.14 14.56 -5.19
C TYR A 99 -0.09 15.29 -6.51
N VAL A 100 -0.14 16.62 -6.45
CA VAL A 100 -0.19 17.44 -7.66
C VAL A 100 1.07 18.30 -7.71
N VAL A 101 1.67 18.40 -8.88
CA VAL A 101 2.89 19.17 -9.06
C VAL A 101 2.85 19.98 -10.35
N GLY A 102 3.28 21.22 -10.28
CA GLY A 102 3.33 22.09 -11.44
C GLY A 102 1.96 22.63 -11.81
N GLY A 103 1.87 23.25 -12.98
CA GLY A 103 0.63 23.80 -13.48
C GLY A 103 0.70 25.31 -13.68
N SER A 104 -0.39 25.89 -14.16
CA SER A 104 -0.44 27.33 -14.43
C SER A 104 -1.84 27.87 -14.18
N ASN A 105 -1.94 29.17 -13.97
CA ASN A 105 -3.21 29.84 -13.68
C ASN A 105 -3.43 31.03 -14.61
N GLY A 106 -4.46 31.81 -14.29
CA GLY A 106 -4.70 33.09 -14.96
C GLY A 106 -4.59 34.22 -13.96
N HIS A 107 -3.82 33.97 -12.89
CA HIS A 107 -3.68 34.91 -11.80
C HIS A 107 -2.34 35.64 -11.85
N SER A 108 -1.60 35.44 -12.94
CA SER A 108 -0.29 36.06 -13.11
C SER A 108 0.62 35.74 -11.93
N ASP A 109 0.81 34.46 -11.67
CA ASP A 109 1.62 34.01 -10.55
C ASP A 109 2.22 32.64 -10.88
N ASP A 110 3.45 32.65 -11.40
CA ASP A 110 4.11 31.44 -11.86
C ASP A 110 4.20 30.35 -10.79
N LEU A 111 4.38 30.77 -9.54
CA LEU A 111 4.58 29.82 -8.45
C LEU A 111 3.26 29.22 -7.96
N SER A 112 3.26 27.91 -7.78
CA SER A 112 2.12 27.19 -7.23
C SER A 112 2.60 26.07 -6.32
N CYS A 113 2.34 26.23 -5.02
CA CYS A 113 2.73 25.22 -4.03
C CYS A 113 2.15 23.86 -4.38
N GLY A 114 2.95 22.81 -4.15
CA GLY A 114 2.47 21.46 -4.34
C GLY A 114 1.42 21.15 -3.30
N GLU A 115 0.51 20.24 -3.62
CA GLU A 115 -0.58 19.89 -2.71
C GLU A 115 -0.72 18.39 -2.57
N MET A 116 -0.98 17.96 -1.34
CA MET A 116 -1.22 16.56 -1.02
C MET A 116 -2.66 16.41 -0.56
N TYR A 117 -3.34 15.37 -1.03
CA TYR A 117 -4.73 15.15 -0.64
C TYR A 117 -4.87 13.97 0.30
N ASP A 118 -5.35 14.26 1.52
CA ASP A 118 -5.67 13.23 2.50
C ASP A 118 -7.12 12.81 2.33
N SER A 119 -7.33 11.61 1.80
CA SER A 119 -8.67 11.12 1.50
C SER A 119 -9.56 11.02 2.73
N ASN A 120 -8.94 10.78 3.89
CA ASN A 120 -9.70 10.63 5.13
C ASN A 120 -10.30 11.94 5.62
N ILE A 121 -9.52 13.01 5.53
CA ILE A 121 -9.91 14.31 6.05
C ILE A 121 -10.71 15.11 5.03
N ASP A 122 -10.55 14.76 3.75
CA ASP A 122 -11.13 15.52 2.65
C ASP A 122 -10.61 16.95 2.66
N ASP A 123 -9.29 17.08 2.63
CA ASP A 123 -8.65 18.40 2.55
C ASP A 123 -7.26 18.29 1.94
N TRP A 124 -6.81 19.38 1.33
CA TRP A 124 -5.51 19.43 0.68
C TRP A 124 -4.44 20.01 1.60
N ILE A 125 -3.33 19.28 1.73
CA ILE A 125 -2.20 19.73 2.53
C ILE A 125 -1.14 20.35 1.63
N PRO A 126 -0.59 21.51 2.01
CA PRO A 126 0.50 22.08 1.21
C PRO A 126 1.79 21.27 1.30
N VAL A 127 2.49 21.12 0.17
CA VAL A 127 3.83 20.55 0.13
C VAL A 127 4.76 21.60 -0.48
N PRO A 128 5.32 22.49 0.37
CA PRO A 128 6.13 23.61 -0.13
C PRO A 128 7.34 23.17 -0.95
N GLU A 129 7.85 21.96 -0.72
CA GLU A 129 9.03 21.48 -1.44
C GLU A 129 8.72 21.24 -2.92
N LEU A 130 7.45 21.01 -3.22
CA LEU A 130 7.00 20.73 -4.59
C LEU A 130 6.52 21.99 -5.30
N ARG A 131 6.77 23.15 -4.72
CA ARG A 131 6.39 24.40 -5.36
C ARG A 131 7.27 24.65 -6.58
N THR A 132 6.63 24.83 -7.73
CA THR A 132 7.35 25.08 -8.97
C THR A 132 6.41 25.70 -9.99
N ASN A 133 6.98 26.17 -11.11
CA ASN A 133 6.18 26.68 -12.21
C ASN A 133 6.26 25.75 -13.42
N ARG A 134 6.79 24.55 -13.22
CA ARG A 134 6.91 23.58 -14.30
C ARG A 134 5.52 23.16 -14.78
N CYS A 135 5.36 23.08 -16.10
CA CYS A 135 4.07 22.71 -16.69
C CYS A 135 4.19 21.51 -17.62
N ASN A 136 3.09 20.77 -17.73
CA ASN A 136 3.01 19.63 -18.65
C ASN A 136 4.14 18.63 -18.45
N ALA A 137 4.52 18.44 -17.19
CA ALA A 137 5.52 17.45 -16.83
C ALA A 137 4.85 16.15 -16.45
N GLY A 138 5.51 15.04 -16.74
CA GLY A 138 5.05 13.75 -16.28
C GLY A 138 5.29 13.62 -14.79
N VAL A 139 4.23 13.36 -14.03
CA VAL A 139 4.33 13.15 -12.59
C VAL A 139 3.88 11.73 -12.27
N CYS A 140 4.76 10.94 -11.66
CA CYS A 140 4.49 9.52 -11.44
C CYS A 140 5.20 8.99 -10.21
N ALA A 141 4.62 7.97 -9.60
CA ALA A 141 5.18 7.35 -8.40
C ALA A 141 5.86 6.02 -8.75
N LEU A 142 6.88 5.67 -7.97
CA LEU A 142 7.64 4.43 -8.19
C LEU A 142 8.58 4.19 -7.01
N ASN A 143 8.41 3.05 -6.35
CA ASN A 143 9.22 2.68 -5.20
C ASN A 143 9.20 3.73 -4.10
N GLY A 144 8.02 4.28 -3.86
CA GLY A 144 7.82 5.21 -2.76
C GLY A 144 8.31 6.63 -3.02
N LYS A 145 8.75 6.88 -4.26
CA LYS A 145 9.27 8.19 -4.64
C LYS A 145 8.44 8.80 -5.76
N LEU A 146 8.40 10.13 -5.80
CA LEU A 146 7.64 10.86 -6.81
C LEU A 146 8.56 11.35 -7.91
N TYR A 147 8.36 10.82 -9.12
CA TYR A 147 9.17 11.19 -10.28
C TYR A 147 8.52 12.34 -11.05
N ILE A 148 9.34 13.30 -11.47
CA ILE A 148 8.89 14.43 -12.26
C ILE A 148 9.73 14.51 -13.52
N VAL A 149 9.09 14.25 -14.67
CA VAL A 149 9.81 14.02 -15.92
C VAL A 149 9.37 14.97 -17.03
N GLY A 150 10.35 15.56 -17.71
CA GLY A 150 10.08 16.44 -18.84
C GLY A 150 9.36 17.70 -18.41
N GLY A 151 8.45 18.17 -19.28
CA GLY A 151 7.68 19.36 -19.00
C GLY A 151 8.29 20.60 -19.62
N SER A 152 7.84 21.77 -19.17
CA SER A 152 8.29 23.02 -19.72
C SER A 152 7.99 24.17 -18.76
N ASP A 153 8.75 25.24 -18.87
CA ASP A 153 8.37 26.48 -18.21
C ASP A 153 7.04 26.89 -18.83
N PRO A 154 6.21 27.62 -18.08
CA PRO A 154 4.82 27.80 -18.52
C PRO A 154 4.67 28.59 -19.83
N TYR A 155 5.76 29.10 -20.40
CA TYR A 155 5.68 29.92 -21.61
C TYR A 155 6.36 29.26 -22.81
N GLY A 156 7.39 28.46 -22.55
CA GLY A 156 8.15 27.83 -23.62
C GLY A 156 7.40 26.66 -24.27
N GLN A 157 7.78 26.35 -25.50
CA GLN A 157 7.26 25.19 -26.22
C GLN A 157 8.36 24.14 -26.34
N LYS A 158 9.60 24.61 -26.31
CA LYS A 158 10.76 23.74 -26.22
C LYS A 158 10.62 22.83 -25.02
N GLY A 159 10.96 21.56 -25.19
CA GLY A 159 10.79 20.59 -24.13
C GLY A 159 11.93 20.61 -23.13
N LEU A 160 11.83 19.77 -22.11
CA LEU A 160 12.91 19.57 -21.15
C LEU A 160 13.26 18.10 -21.06
N LYS A 161 14.54 17.81 -20.86
CA LYS A 161 15.01 16.44 -20.64
C LYS A 161 15.03 16.10 -19.16
N ASN A 162 14.93 17.14 -18.33
CA ASN A 162 15.15 17.00 -16.89
C ASN A 162 14.30 15.94 -16.21
N CYS A 163 14.92 15.23 -15.28
CA CYS A 163 14.22 14.30 -14.41
C CYS A 163 14.69 14.51 -12.99
N ASP A 164 13.74 14.55 -12.06
CA ASP A 164 14.04 14.80 -10.66
C ASP A 164 13.14 13.93 -9.79
N VAL A 165 13.70 13.45 -8.68
CA VAL A 165 13.01 12.51 -7.81
C VAL A 165 12.81 13.13 -6.44
N PHE A 166 11.57 13.06 -5.94
CA PHE A 166 11.21 13.60 -4.64
C PHE A 166 10.78 12.48 -3.70
N ASP A 167 11.40 12.43 -2.52
CA ASP A 167 11.02 11.49 -1.48
C ASP A 167 10.11 12.19 -0.47
N PRO A 168 8.80 11.89 -0.51
CA PRO A 168 7.87 12.64 0.33
C PRO A 168 8.05 12.38 1.82
N VAL A 169 8.68 11.26 2.17
CA VAL A 169 8.91 10.91 3.56
C VAL A 169 10.05 11.73 4.14
N THR A 170 11.14 11.82 3.39
CA THR A 170 12.33 12.56 3.84
C THR A 170 12.36 13.98 3.27
N LYS A 171 11.48 14.25 2.30
CA LYS A 171 11.38 15.56 1.67
C LYS A 171 12.69 15.99 1.01
N LEU A 172 13.50 15.01 0.63
CA LEU A 172 14.77 15.27 -0.04
C LEU A 172 14.69 14.95 -1.53
N TRP A 173 15.20 15.85 -2.36
CA TRP A 173 15.31 15.60 -3.79
C TRP A 173 16.57 14.80 -4.09
N THR A 174 16.53 14.02 -5.17
CA THR A 174 17.70 13.28 -5.64
C THR A 174 17.77 13.34 -7.15
N SER A 175 18.99 13.33 -7.69
CA SER A 175 19.18 13.48 -9.13
C SER A 175 18.77 12.22 -9.88
N CYS A 176 18.39 12.41 -11.15
CA CYS A 176 17.90 11.34 -11.99
C CYS A 176 18.41 11.55 -13.42
N ALA A 177 18.70 10.46 -14.11
CA ALA A 177 19.24 10.56 -15.47
C ALA A 177 18.25 11.28 -16.38
N PRO A 178 18.75 12.14 -17.28
CA PRO A 178 17.86 12.90 -18.16
C PRO A 178 17.27 12.06 -19.28
N LEU A 179 16.18 12.52 -19.87
CA LEU A 179 15.60 11.87 -21.04
C LEU A 179 16.59 11.93 -22.20
N ASN A 180 16.42 11.04 -23.18
CA ASN A 180 17.20 11.12 -24.39
C ASN A 180 16.69 12.23 -25.28
N ILE A 181 15.38 12.44 -25.23
CA ILE A 181 14.70 13.41 -26.08
C ILE A 181 13.91 14.37 -25.19
N ARG A 182 14.06 15.67 -25.43
CA ARG A 182 13.30 16.67 -24.70
C ARG A 182 11.83 16.58 -25.11
N ARG A 183 10.93 16.66 -24.14
CA ARG A 183 9.51 16.53 -24.43
C ARG A 183 8.63 17.11 -23.32
N HIS A 184 7.40 17.45 -23.71
CA HIS A 184 6.38 17.88 -22.76
C HIS A 184 5.05 17.31 -23.20
N GLN A 185 4.05 17.37 -22.32
CA GLN A 185 2.73 16.80 -22.60
C GLN A 185 2.84 15.31 -22.94
N SER A 186 3.78 14.62 -22.30
CA SER A 186 3.92 13.18 -22.44
C SER A 186 3.05 12.47 -21.41
N ALA A 187 2.55 11.29 -21.78
CA ALA A 187 1.87 10.42 -20.84
C ALA A 187 2.90 9.55 -20.13
N VAL A 188 2.89 9.57 -18.81
CA VAL A 188 3.81 8.77 -18.01
C VAL A 188 3.04 7.77 -17.15
N CYS A 189 3.67 6.63 -16.87
CA CYS A 189 3.06 5.62 -16.00
C CYS A 189 4.10 4.63 -15.50
N GLU A 190 3.73 3.89 -14.46
CA GLU A 190 4.61 2.88 -13.86
C GLU A 190 4.03 1.48 -14.07
N LEU A 191 4.86 0.58 -14.58
CA LEU A 191 4.49 -0.83 -14.72
C LEU A 191 5.72 -1.72 -14.58
N GLY A 192 5.58 -2.77 -13.78
CA GLY A 192 6.65 -3.74 -13.60
C GLY A 192 7.93 -3.16 -13.01
N GLY A 193 7.81 -2.00 -12.37
CA GLY A 193 8.96 -1.38 -11.72
C GLY A 193 9.74 -0.46 -12.64
N TYR A 194 9.23 -0.22 -13.84
CA TYR A 194 9.82 0.72 -14.78
C TYR A 194 8.90 1.92 -14.96
N LEU A 195 9.46 3.07 -15.32
CA LEU A 195 8.67 4.20 -15.80
C LEU A 195 8.65 4.20 -17.31
N TYR A 196 7.48 4.43 -17.89
CA TYR A 196 7.35 4.67 -19.32
C TYR A 196 6.91 6.10 -19.54
N ILE A 197 7.69 6.87 -20.30
CA ILE A 197 7.23 8.17 -20.77
C ILE A 197 6.88 8.02 -22.25
N ILE A 198 5.72 8.53 -22.62
CA ILE A 198 5.08 8.18 -23.88
C ILE A 198 4.72 9.43 -24.69
N GLY A 199 5.31 9.52 -25.88
CA GLY A 199 5.02 10.61 -26.79
C GLY A 199 5.28 11.98 -26.18
N GLY A 200 4.45 12.94 -26.55
CA GLY A 200 4.61 14.32 -26.13
C GLY A 200 4.97 15.18 -27.33
N ALA A 201 5.57 16.33 -27.08
CA ALA A 201 5.97 17.21 -28.17
C ALA A 201 7.32 17.85 -27.91
N GLU A 202 8.11 17.97 -28.97
CA GLU A 202 9.32 18.79 -28.95
C GLU A 202 9.05 20.01 -29.82
N SER A 203 9.02 21.18 -29.18
CA SER A 203 8.55 22.39 -29.84
C SER A 203 7.11 22.16 -30.34
N TRP A 204 6.93 22.15 -31.66
CA TRP A 204 5.61 21.89 -32.25
C TRP A 204 5.53 20.49 -32.85
N ASN A 205 6.61 19.71 -32.69
CA ASN A 205 6.67 18.37 -33.26
C ASN A 205 6.18 17.29 -32.30
N CYS A 206 5.11 16.60 -32.68
CA CYS A 206 4.57 15.52 -31.87
C CYS A 206 5.43 14.26 -32.02
N LEU A 207 5.59 13.53 -30.93
CA LEU A 207 6.49 12.38 -30.88
C LEU A 207 5.72 11.06 -30.78
N ASN A 208 6.25 10.02 -31.41
CA ASN A 208 5.75 8.67 -31.21
C ASN A 208 6.81 7.83 -30.51
N THR A 209 7.88 8.49 -30.07
CA THR A 209 8.95 7.82 -29.33
C THR A 209 8.51 7.54 -27.89
N VAL A 210 9.02 6.45 -27.33
CA VAL A 210 8.68 6.04 -25.98
C VAL A 210 9.95 5.63 -25.26
N GLU A 211 10.15 6.18 -24.06
CA GLU A 211 11.34 5.87 -23.26
C GLU A 211 10.98 5.18 -21.97
N ARG A 212 11.79 4.18 -21.60
CA ARG A 212 11.59 3.42 -20.37
C ARG A 212 12.73 3.67 -19.41
N TYR A 213 12.41 4.02 -18.16
CA TYR A 213 13.42 4.27 -17.14
C TYR A 213 13.62 3.06 -16.24
N ASN A 214 14.88 2.77 -15.95
CA ASN A 214 15.26 1.64 -15.11
C ASN A 214 15.94 2.15 -13.85
N PRO A 215 15.23 2.12 -12.70
CA PRO A 215 15.79 2.72 -11.49
C PRO A 215 16.99 1.95 -10.93
N GLU A 216 17.17 0.72 -11.39
CA GLU A 216 18.27 -0.12 -10.90
C GLU A 216 19.64 0.40 -11.35
N ASN A 217 19.72 0.88 -12.58
CA ASN A 217 20.98 1.38 -13.13
C ASN A 217 20.88 2.83 -13.63
N ASN A 218 19.74 3.45 -13.38
CA ASN A 218 19.54 4.87 -13.71
C ASN A 218 19.75 5.16 -15.20
N THR A 219 18.90 4.59 -16.05
CA THR A 219 19.02 4.75 -17.49
C THR A 219 17.66 4.90 -18.17
N TRP A 220 17.62 5.68 -19.25
CA TRP A 220 16.45 5.76 -20.11
C TRP A 220 16.74 5.04 -21.41
N THR A 221 15.80 4.18 -21.84
CA THR A 221 15.97 3.42 -23.08
C THR A 221 14.82 3.69 -24.04
N LEU A 222 15.16 3.94 -25.30
CA LEU A 222 14.15 4.03 -26.36
C LEU A 222 13.62 2.65 -26.68
N ILE A 223 12.31 2.46 -26.54
CA ILE A 223 11.68 1.19 -26.85
C ILE A 223 10.84 1.33 -28.12
N ALA A 224 10.05 0.31 -28.42
CA ALA A 224 9.23 0.32 -29.63
C ALA A 224 8.35 1.58 -29.68
N PRO A 225 8.45 2.37 -30.76
CA PRO A 225 7.64 3.58 -30.82
C PRO A 225 6.17 3.27 -31.08
N MET A 226 5.30 4.25 -30.86
CA MET A 226 3.88 4.09 -31.14
C MET A 226 3.63 4.15 -32.64
N ASN A 227 2.45 3.67 -33.06
CA ASN A 227 2.02 3.81 -34.44
C ASN A 227 1.72 5.27 -34.76
N VAL A 228 1.13 5.96 -33.80
CA VAL A 228 0.70 7.35 -33.97
C VAL A 228 1.44 8.29 -33.02
N ALA A 229 1.99 9.36 -33.56
CA ALA A 229 2.66 10.37 -32.77
C ALA A 229 1.62 11.19 -32.01
N ARG A 230 1.81 11.35 -30.70
CA ARG A 230 0.84 12.03 -29.85
C ARG A 230 1.49 12.96 -28.84
N ARG A 231 0.88 14.12 -28.63
CA ARG A 231 1.11 14.91 -27.43
C ARG A 231 -0.22 15.03 -26.69
N GLY A 232 -0.17 15.18 -25.38
CA GLY A 232 -1.37 15.31 -24.58
C GLY A 232 -2.20 14.05 -24.55
N ALA A 233 -1.57 12.91 -24.84
CA ALA A 233 -2.23 11.62 -24.73
C ALA A 233 -2.35 11.24 -23.27
N GLY A 234 -3.25 10.31 -22.96
CA GLY A 234 -3.40 9.78 -21.62
C GLY A 234 -3.07 8.31 -21.63
N VAL A 235 -2.73 7.76 -20.47
CA VAL A 235 -2.39 6.34 -20.37
C VAL A 235 -2.96 5.71 -19.10
N ALA A 236 -3.35 4.45 -19.20
CA ALA A 236 -3.84 3.68 -18.07
C ALA A 236 -3.24 2.28 -18.11
N VAL A 237 -2.91 1.75 -16.93
CA VAL A 237 -2.33 0.42 -16.83
C VAL A 237 -3.42 -0.59 -16.48
N LEU A 238 -3.50 -1.65 -17.29
CA LEU A 238 -4.53 -2.66 -17.11
C LEU A 238 -4.06 -4.01 -17.66
N ASN A 239 -4.27 -5.07 -16.88
CA ASN A 239 -3.90 -6.41 -17.31
C ASN A 239 -2.39 -6.51 -17.57
N GLY A 240 -1.62 -5.63 -16.93
CA GLY A 240 -0.18 -5.61 -17.10
C GLY A 240 0.23 -5.04 -18.46
N LYS A 241 -0.61 -4.17 -19.01
CA LYS A 241 -0.34 -3.55 -20.31
C LYS A 241 -0.69 -2.06 -20.25
N LEU A 242 -0.04 -1.29 -21.12
CA LEU A 242 -0.28 0.16 -21.19
C LEU A 242 -1.30 0.47 -22.29
N PHE A 243 -2.33 1.25 -21.96
CA PHE A 243 -3.32 1.68 -22.94
C PHE A 243 -3.27 3.18 -23.17
N VAL A 244 -2.55 3.59 -24.20
CA VAL A 244 -2.44 4.99 -24.57
C VAL A 244 -3.68 5.41 -25.36
N CYS A 245 -4.35 6.47 -24.92
CA CYS A 245 -5.62 6.89 -25.50
C CYS A 245 -5.63 8.37 -25.87
N GLY A 246 -5.90 8.65 -27.13
CA GLY A 246 -6.13 10.01 -27.59
C GLY A 246 -4.86 10.82 -27.77
N GLY A 247 -4.98 12.13 -27.61
CA GLY A 247 -3.87 13.05 -27.82
C GLY A 247 -4.06 13.88 -29.09
N PHE A 248 -2.98 14.49 -29.55
CA PHE A 248 -2.99 15.32 -30.75
C PHE A 248 -1.84 14.90 -31.67
N ASP A 249 -2.16 14.58 -32.92
CA ASP A 249 -1.17 14.00 -33.83
C ASP A 249 -0.59 15.00 -34.83
N GLY A 250 -0.72 16.29 -34.52
CA GLY A 250 -0.21 17.34 -35.37
C GLY A 250 -1.27 17.89 -36.30
N SER A 251 -2.39 17.17 -36.43
CA SER A 251 -3.49 17.58 -37.28
C SER A 251 -4.82 17.54 -36.55
N HIS A 252 -5.14 16.35 -36.03
CA HIS A 252 -6.39 16.11 -35.33
C HIS A 252 -6.18 15.92 -33.84
N ALA A 253 -7.21 16.26 -33.06
CA ALA A 253 -7.40 15.63 -31.77
C ALA A 253 -8.01 14.29 -32.10
N ILE A 254 -7.35 13.20 -31.70
CA ILE A 254 -7.69 11.87 -32.19
C ILE A 254 -8.40 11.02 -31.14
N SER A 255 -8.92 9.87 -31.57
CA SER A 255 -9.63 8.96 -30.68
C SER A 255 -8.96 7.59 -30.70
N CYS A 256 -7.77 7.50 -31.28
CA CYS A 256 -7.06 6.24 -31.40
C CYS A 256 -6.61 5.73 -30.05
N VAL A 257 -6.61 4.41 -29.89
CA VAL A 257 -6.09 3.76 -28.70
C VAL A 257 -5.17 2.62 -29.12
N GLU A 258 -3.91 2.69 -28.72
CA GLU A 258 -2.98 1.59 -28.94
C GLU A 258 -2.39 1.08 -27.64
N MET A 259 -2.43 -0.24 -27.46
CA MET A 259 -1.90 -0.88 -26.27
C MET A 259 -0.43 -1.21 -26.47
N TYR A 260 0.31 -1.29 -25.35
CA TYR A 260 1.68 -1.81 -25.37
C TYR A 260 1.80 -3.05 -24.49
N ASP A 261 2.39 -4.11 -25.05
CA ASP A 261 2.62 -5.35 -24.32
C ASP A 261 4.12 -5.47 -23.98
N PRO A 262 4.47 -5.36 -22.69
CA PRO A 262 5.88 -5.42 -22.29
C PRO A 262 6.57 -6.73 -22.67
N THR A 263 5.86 -7.84 -22.57
CA THR A 263 6.48 -9.15 -22.77
C THR A 263 6.84 -9.40 -24.23
N ARG A 264 6.34 -8.55 -25.12
CA ARG A 264 6.49 -8.75 -26.56
C ARG A 264 7.14 -7.53 -27.22
N ASN A 265 7.22 -6.43 -26.48
CA ASN A 265 7.75 -5.17 -26.99
C ASN A 265 7.13 -4.77 -28.32
N GLU A 266 5.81 -4.55 -28.32
CA GLU A 266 5.15 -4.03 -29.51
C GLU A 266 3.78 -3.44 -29.19
N TRP A 267 3.38 -2.47 -30.01
CA TRP A 267 2.11 -1.79 -29.85
C TRP A 267 1.03 -2.41 -30.73
N LYS A 268 -0.23 -2.27 -30.31
CA LYS A 268 -1.36 -2.76 -31.09
C LYS A 268 -2.53 -1.77 -31.04
N MET A 269 -3.02 -1.37 -32.22
CA MET A 269 -4.18 -0.49 -32.30
C MET A 269 -5.42 -1.19 -31.74
N MET A 270 -6.15 -0.47 -30.91
CA MET A 270 -7.33 -1.00 -30.24
C MET A 270 -8.58 -0.25 -30.68
N GLY A 271 -9.71 -0.55 -30.05
CA GLY A 271 -10.95 0.14 -30.35
C GLY A 271 -10.83 1.63 -30.07
N ASN A 272 -11.51 2.44 -30.89
CA ASN A 272 -11.46 3.89 -30.75
C ASN A 272 -12.45 4.41 -29.72
N MET A 273 -12.07 5.47 -29.02
CA MET A 273 -12.98 6.18 -28.13
C MET A 273 -14.14 6.75 -28.93
N THR A 274 -15.27 6.95 -28.29
CA THR A 274 -16.47 7.45 -28.96
C THR A 274 -16.34 8.94 -29.25
N SER A 275 -15.38 9.59 -28.60
CA SER A 275 -15.07 10.99 -28.85
C SER A 275 -13.57 11.16 -29.05
N PRO A 276 -13.16 12.08 -29.93
CA PRO A 276 -11.73 12.42 -29.96
C PRO A 276 -11.37 13.27 -28.74
N ARG A 277 -10.27 12.92 -28.07
CA ARG A 277 -9.86 13.63 -26.86
C ARG A 277 -8.35 13.83 -26.80
N SER A 278 -7.92 15.08 -26.68
CA SER A 278 -6.53 15.40 -26.39
C SER A 278 -6.45 16.12 -25.05
N ASN A 279 -5.37 15.88 -24.32
CA ASN A 279 -5.20 16.44 -22.98
C ASN A 279 -6.38 16.11 -22.08
N ALA A 280 -6.92 14.90 -22.24
CA ALA A 280 -8.02 14.43 -21.42
C ALA A 280 -7.51 13.65 -20.23
N GLY A 281 -8.45 13.05 -19.49
CA GLY A 281 -8.11 12.26 -18.32
C GLY A 281 -8.27 10.77 -18.57
N ILE A 282 -7.17 10.04 -18.51
CA ILE A 282 -7.19 8.59 -18.71
C ILE A 282 -6.68 7.89 -17.45
N ALA A 283 -7.51 7.00 -16.90
CA ALA A 283 -7.16 6.28 -15.68
C ALA A 283 -7.99 5.02 -15.54
N THR A 284 -7.40 4.01 -14.90
CA THR A 284 -8.10 2.76 -14.60
C THR A 284 -8.77 2.86 -13.23
N VAL A 285 -10.07 2.62 -13.19
CA VAL A 285 -10.81 2.56 -11.93
C VAL A 285 -11.44 1.18 -11.79
N GLY A 286 -10.97 0.42 -10.82
CA GLY A 286 -11.30 -0.98 -10.72
C GLY A 286 -10.51 -1.74 -11.77
N ASN A 287 -11.23 -2.35 -12.71
CA ASN A 287 -10.59 -2.95 -13.89
C ASN A 287 -11.27 -2.43 -15.15
N THR A 288 -11.68 -1.17 -15.10
CA THR A 288 -12.27 -0.48 -16.24
C THR A 288 -11.51 0.81 -16.50
N ILE A 289 -11.11 1.02 -17.74
CA ILE A 289 -10.44 2.25 -18.13
C ILE A 289 -11.49 3.33 -18.36
N TYR A 290 -11.25 4.51 -17.80
CA TYR A 290 -12.14 5.64 -17.97
C TYR A 290 -11.47 6.75 -18.75
N ALA A 291 -12.23 7.39 -19.64
CA ALA A 291 -11.77 8.56 -20.37
C ALA A 291 -12.71 9.72 -20.08
N VAL A 292 -12.16 10.85 -19.66
CA VAL A 292 -12.98 11.98 -19.22
C VAL A 292 -12.40 13.33 -19.68
N GLY A 293 -13.27 14.23 -20.10
CA GLY A 293 -12.88 15.57 -20.49
C GLY A 293 -12.03 15.61 -21.75
N GLY A 294 -11.22 16.66 -21.87
CA GLY A 294 -10.33 16.83 -23.00
C GLY A 294 -10.82 17.88 -23.98
N PHE A 295 -10.07 18.02 -25.08
CA PHE A 295 -10.39 18.95 -26.15
C PHE A 295 -10.53 18.14 -27.44
N ASP A 296 -11.64 18.34 -28.17
CA ASP A 296 -11.94 17.51 -29.35
C ASP A 296 -11.60 18.19 -30.67
N GLY A 297 -10.92 19.33 -30.60
CA GLY A 297 -10.57 20.09 -31.78
C GLY A 297 -11.37 21.38 -31.90
N ASN A 298 -12.61 21.34 -31.41
CA ASN A 298 -13.50 22.50 -31.46
C ASN A 298 -13.91 22.96 -30.05
N GLU A 299 -14.44 22.04 -29.27
CA GLU A 299 -14.94 22.36 -27.93
C GLU A 299 -14.18 21.64 -26.82
N PHE A 300 -14.26 22.21 -25.63
CA PHE A 300 -13.75 21.54 -24.43
C PHE A 300 -14.85 20.62 -23.89
N LEU A 301 -14.45 19.41 -23.50
CA LEU A 301 -15.41 18.36 -23.16
C LEU A 301 -15.59 18.19 -21.66
N ASN A 302 -16.78 17.70 -21.28
CA ASN A 302 -17.07 17.31 -19.90
C ASN A 302 -17.61 15.89 -19.85
N THR A 303 -17.62 15.22 -21.00
CA THR A 303 -18.17 13.87 -21.11
C THR A 303 -17.22 12.83 -20.55
N VAL A 304 -17.78 11.66 -20.21
CA VAL A 304 -17.00 10.52 -19.73
C VAL A 304 -17.40 9.27 -20.51
N GLU A 305 -16.45 8.35 -20.69
CA GLU A 305 -16.73 7.08 -21.36
C GLU A 305 -15.81 6.00 -20.83
N VAL A 306 -16.20 4.74 -21.03
CA VAL A 306 -15.44 3.60 -20.51
C VAL A 306 -15.07 2.60 -21.60
N TYR A 307 -13.93 1.93 -21.38
CA TYR A 307 -13.45 0.89 -22.28
C TYR A 307 -13.81 -0.48 -21.76
N ASN A 308 -14.13 -1.39 -22.68
CA ASN A 308 -14.48 -2.76 -22.35
C ASN A 308 -13.47 -3.71 -22.98
N LEU A 309 -12.73 -4.44 -22.13
CA LEU A 309 -11.54 -5.16 -22.57
C LEU A 309 -11.82 -6.34 -23.51
N GLU A 310 -12.73 -7.22 -23.12
CA GLU A 310 -13.00 -8.43 -23.91
C GLU A 310 -13.59 -8.08 -25.28
N SER A 311 -14.43 -7.05 -25.32
CA SER A 311 -15.10 -6.66 -26.55
C SER A 311 -14.30 -5.65 -27.35
N ASN A 312 -13.34 -5.00 -26.70
CA ASN A 312 -12.51 -3.99 -27.35
C ASN A 312 -13.35 -2.87 -27.94
N GLU A 313 -14.17 -2.25 -27.10
CA GLU A 313 -15.03 -1.15 -27.51
C GLU A 313 -15.21 -0.11 -26.41
N TRP A 314 -15.38 1.14 -26.82
CA TRP A 314 -15.67 2.22 -25.88
C TRP A 314 -17.17 2.53 -25.91
N SER A 315 -17.69 3.00 -24.78
CA SER A 315 -19.10 3.37 -24.69
C SER A 315 -19.31 4.44 -23.62
N PRO A 316 -20.20 5.41 -23.89
CA PRO A 316 -20.56 6.41 -22.88
C PRO A 316 -21.75 5.95 -22.04
N TYR A 317 -22.19 4.71 -22.24
CA TYR A 317 -23.33 4.16 -21.52
C TYR A 317 -22.89 3.39 -20.28
N THR A 318 -23.76 3.37 -19.28
CA THR A 318 -23.55 2.57 -18.08
C THR A 318 -24.87 1.93 -17.68
N LYS A 319 -24.80 0.74 -17.07
CA LYS A 319 -26.00 0.05 -16.65
C LYS A 319 -26.31 0.36 -15.19
N ILE A 320 -27.53 0.84 -14.96
CA ILE A 320 -27.93 1.39 -13.67
C ILE A 320 -28.16 0.29 -12.63
N PHE A 321 -27.61 0.52 -11.43
CA PHE A 321 -27.73 -0.41 -10.32
C PHE A 321 -29.02 -0.19 -9.54
N GLN A 322 -29.98 -1.10 -9.68
CA GLN A 322 -31.23 -1.06 -8.91
C GLN A 322 -31.08 -1.92 -7.66
N PHE A 323 -31.93 -1.72 -6.65
CA PHE A 323 -31.66 -2.34 -5.34
C PHE A 323 -32.82 -2.54 -4.34
N LEU A 324 -34.07 -2.26 -4.71
CA LEU A 324 -35.20 -2.60 -3.84
C LEU A 324 -36.25 -3.41 -4.58
N GLU A 325 -36.35 -3.19 -5.89
CA GLU A 325 -37.26 -3.91 -6.76
C GLU A 325 -37.00 -3.40 -8.17
N HIS A 326 -37.09 -2.08 -8.29
CA HIS A 326 -36.72 -1.37 -9.51
C HIS A 326 -36.15 0.00 -9.14
N HIS A 327 -35.92 0.21 -7.85
CA HIS A 327 -35.41 1.49 -7.36
C HIS A 327 -33.92 1.62 -7.62
N HIS A 328 -33.53 2.79 -8.14
CA HIS A 328 -32.13 3.09 -8.42
C HIS A 328 -31.79 4.49 -7.90
N HIS A 329 -30.52 4.86 -8.00
CA HIS A 329 -30.04 6.11 -7.42
C HIS A 329 -30.50 7.35 -8.20
N HIS A 330 -31.13 7.14 -9.35
CA HIS A 330 -31.68 8.24 -10.14
C HIS A 330 -33.17 8.43 -9.87
N HIS A 331 -33.69 7.68 -8.90
CA HIS A 331 -35.07 7.83 -8.43
C HIS A 331 -36.07 7.70 -9.58
N LYS B 30 -1.69 -34.70 1.88
CA LYS B 30 -0.35 -34.55 2.42
C LYS B 30 -0.32 -33.51 3.53
N PRO B 31 0.32 -33.85 4.67
CA PRO B 31 0.53 -32.81 5.68
C PRO B 31 1.42 -31.70 5.14
N MET B 32 1.17 -30.45 5.51
CA MET B 32 2.06 -29.37 5.12
C MET B 32 3.45 -29.67 5.63
N SER B 33 4.47 -29.28 4.86
CA SER B 33 5.84 -29.55 5.24
C SER B 33 6.15 -28.92 6.60
N PRO B 34 6.55 -29.74 7.59
CA PRO B 34 6.91 -29.17 8.89
C PRO B 34 8.24 -28.42 8.82
N MET B 35 8.64 -27.79 9.91
CA MET B 35 9.96 -27.19 9.99
C MET B 35 11.01 -28.29 10.16
N GLN B 36 12.28 -27.91 10.10
CA GLN B 36 13.37 -28.85 10.32
C GLN B 36 13.72 -28.93 11.80
N TYR B 37 13.39 -27.86 12.53
CA TYR B 37 13.58 -27.82 13.97
C TYR B 37 12.27 -27.52 14.68
N ALA B 38 12.00 -28.23 15.77
CA ALA B 38 10.89 -27.89 16.63
C ALA B 38 11.18 -26.57 17.34
N ARG B 39 10.22 -25.66 17.32
CA ARG B 39 10.42 -24.33 17.91
C ARG B 39 9.27 -23.91 18.81
N SER B 40 9.62 -23.45 20.00
CA SER B 40 8.69 -22.81 20.91
C SER B 40 9.24 -21.45 21.32
N GLY B 41 8.36 -20.47 21.50
CA GLY B 41 8.79 -19.14 21.85
C GLY B 41 9.59 -18.50 20.73
N LEU B 42 9.30 -18.89 19.50
CA LEU B 42 9.94 -18.31 18.32
C LEU B 42 9.24 -17.03 17.89
N GLY B 43 9.89 -16.26 17.03
CA GLY B 43 9.30 -15.08 16.44
C GLY B 43 8.84 -15.36 15.02
N THR B 44 7.72 -14.77 14.62
CA THR B 44 7.21 -14.93 13.26
C THR B 44 6.93 -13.59 12.60
N ALA B 45 6.98 -13.59 11.28
CA ALA B 45 6.67 -12.41 10.49
C ALA B 45 6.35 -12.82 9.05
N GLU B 46 6.09 -11.82 8.21
CA GLU B 46 5.88 -12.05 6.79
C GLU B 46 6.86 -11.22 5.98
N MET B 47 7.58 -11.88 5.07
CA MET B 47 8.44 -11.21 4.10
C MET B 47 8.29 -11.88 2.75
N ASN B 48 7.94 -11.08 1.75
CA ASN B 48 7.93 -11.53 0.36
C ASN B 48 7.05 -12.75 0.13
N GLY B 49 5.95 -12.83 0.87
CA GLY B 49 4.96 -13.88 0.69
C GLY B 49 5.30 -15.18 1.38
N LYS B 50 6.23 -15.13 2.33
CA LYS B 50 6.64 -16.33 3.07
C LYS B 50 6.50 -16.14 4.57
N LEU B 51 6.17 -17.23 5.26
CA LEU B 51 6.12 -17.23 6.72
C LEU B 51 7.52 -17.39 7.28
N ILE B 52 8.00 -16.38 8.00
CA ILE B 52 9.31 -16.45 8.62
C ILE B 52 9.18 -17.02 10.03
N ALA B 53 10.09 -17.92 10.37
CA ALA B 53 10.11 -18.53 11.70
C ALA B 53 11.53 -18.46 12.25
N ALA B 54 11.74 -17.59 13.24
CA ALA B 54 13.07 -17.28 13.73
C ALA B 54 13.25 -17.63 15.20
N GLY B 55 14.36 -18.30 15.50
CA GLY B 55 14.73 -18.57 16.88
C GLY B 55 13.84 -19.59 17.54
N GLY B 56 13.57 -19.37 18.83
CA GLY B 56 12.79 -20.30 19.62
C GLY B 56 13.70 -21.29 20.31
N TYR B 57 13.13 -22.17 21.13
CA TYR B 57 13.89 -23.18 21.83
C TYR B 57 13.16 -24.51 21.83
N ASN B 58 13.87 -25.57 22.19
CA ASN B 58 13.28 -26.89 22.35
C ASN B 58 13.99 -27.64 23.46
N ARG B 59 13.80 -28.95 23.52
CA ARG B 59 14.41 -29.75 24.58
C ARG B 59 15.93 -29.75 24.49
N GLU B 60 16.45 -29.57 23.28
CA GLU B 60 17.89 -29.66 23.03
C GLU B 60 18.63 -28.36 23.30
N GLU B 61 18.08 -27.25 22.81
CA GLU B 61 18.82 -25.98 22.79
C GLU B 61 17.99 -24.79 22.35
N CYS B 62 18.58 -23.60 22.52
CA CYS B 62 18.04 -22.38 21.92
C CYS B 62 18.52 -22.31 20.47
N LEU B 63 17.88 -21.47 19.67
CA LEU B 63 18.16 -21.42 18.23
C LEU B 63 18.42 -20.00 17.75
N ARG B 64 19.31 -19.88 16.77
CA ARG B 64 19.51 -18.61 16.07
C ARG B 64 19.21 -18.77 14.58
N THR B 65 18.81 -19.97 14.18
CA THR B 65 18.46 -20.25 12.79
C THR B 65 17.10 -19.65 12.45
N VAL B 66 16.90 -19.37 11.17
CA VAL B 66 15.66 -18.79 10.68
C VAL B 66 15.16 -19.56 9.46
N GLU B 67 13.91 -19.97 9.49
CA GLU B 67 13.30 -20.72 8.39
C GLU B 67 12.15 -19.94 7.77
N CYS B 68 12.11 -19.92 6.43
CA CYS B 68 10.98 -19.34 5.71
C CYS B 68 10.19 -20.42 5.01
N TYR B 69 8.87 -20.32 5.07
CA TYR B 69 8.00 -21.29 4.42
C TYR B 69 7.42 -20.71 3.14
N ASN B 70 7.67 -21.38 2.03
CA ASN B 70 7.09 -20.99 0.75
C ASN B 70 5.76 -21.71 0.55
N PRO B 71 4.63 -20.99 0.67
CA PRO B 71 3.35 -21.69 0.62
C PRO B 71 2.93 -22.10 -0.78
N HIS B 72 3.67 -21.65 -1.79
CA HIS B 72 3.38 -21.99 -3.18
C HIS B 72 4.12 -23.25 -3.61
N THR B 73 5.03 -23.74 -2.76
CA THR B 73 5.83 -24.91 -3.08
C THR B 73 5.91 -25.90 -1.92
N ASP B 74 5.31 -25.54 -0.79
CA ASP B 74 5.27 -26.41 0.38
C ASP B 74 6.68 -26.81 0.81
N HIS B 75 7.62 -25.88 0.64
CA HIS B 75 9.02 -26.09 1.01
C HIS B 75 9.50 -25.05 2.00
N TRP B 76 10.18 -25.49 3.06
CA TRP B 76 10.90 -24.59 3.94
C TRP B 76 12.32 -24.41 3.42
N SER B 77 12.88 -23.22 3.61
CA SER B 77 14.28 -22.97 3.32
C SER B 77 14.86 -22.04 4.38
N PHE B 78 16.18 -21.84 4.35
CA PHE B 78 16.86 -21.05 5.38
C PHE B 78 17.12 -19.62 4.92
N LEU B 79 16.81 -18.67 5.80
CA LEU B 79 17.34 -17.32 5.69
C LEU B 79 18.64 -17.27 6.47
N ALA B 80 19.33 -16.14 6.44
CA ALA B 80 20.56 -15.98 7.21
C ALA B 80 20.23 -16.14 8.69
N PRO B 81 21.16 -16.74 9.46
CA PRO B 81 20.91 -16.91 10.89
C PRO B 81 21.16 -15.64 11.68
N MET B 82 20.51 -15.51 12.84
CA MET B 82 20.78 -14.40 13.74
C MET B 82 22.16 -14.59 14.36
N ARG B 83 22.78 -13.50 14.81
CA ARG B 83 24.12 -13.56 15.38
C ARG B 83 24.14 -14.25 16.74
N THR B 84 23.00 -14.27 17.41
CA THR B 84 22.89 -14.89 18.73
C THR B 84 21.60 -15.69 18.87
N PRO B 85 21.64 -16.83 19.59
CA PRO B 85 20.41 -17.57 19.88
C PRO B 85 19.42 -16.70 20.63
N ARG B 86 18.14 -16.84 20.32
CA ARG B 86 17.12 -15.93 20.81
C ARG B 86 15.78 -16.65 20.94
N ALA B 87 15.26 -16.70 22.17
CA ALA B 87 14.02 -17.40 22.46
C ALA B 87 13.11 -16.58 23.38
N ARG B 88 11.82 -16.88 23.36
CA ARG B 88 10.83 -16.14 24.13
C ARG B 88 10.96 -14.64 23.86
N PHE B 89 10.90 -14.30 22.58
CA PHE B 89 10.98 -12.91 22.12
C PHE B 89 9.88 -12.67 21.10
N GLN B 90 9.95 -11.52 20.43
CA GLN B 90 8.99 -11.21 19.38
C GLN B 90 9.66 -10.47 18.24
N MET B 91 9.28 -10.84 17.03
CA MET B 91 9.85 -10.26 15.82
C MET B 91 8.88 -9.25 15.23
N ALA B 92 9.30 -7.99 15.24
CA ALA B 92 8.49 -6.90 14.71
C ALA B 92 8.90 -6.59 13.28
N VAL B 93 8.05 -5.84 12.58
CA VAL B 93 8.35 -5.36 11.24
C VAL B 93 8.25 -3.85 11.22
N LEU B 94 9.38 -3.19 11.43
CA LEU B 94 9.42 -1.73 11.49
C LEU B 94 9.77 -1.14 10.13
N MET B 95 8.77 -0.57 9.47
CA MET B 95 8.92 0.00 8.13
C MET B 95 9.52 -1.02 7.16
N GLY B 96 8.91 -2.19 7.11
CA GLY B 96 9.24 -3.20 6.13
C GLY B 96 10.51 -4.00 6.41
N GLN B 97 10.98 -3.95 7.65
CA GLN B 97 12.20 -4.67 8.03
C GLN B 97 12.01 -5.47 9.31
N LEU B 98 12.44 -6.74 9.27
CA LEU B 98 12.39 -7.60 10.46
C LEU B 98 13.35 -7.09 11.52
N TYR B 99 12.79 -6.65 12.65
CA TYR B 99 13.59 -6.29 13.81
C TYR B 99 13.38 -7.32 14.91
N VAL B 100 14.47 -7.68 15.60
CA VAL B 100 14.38 -8.55 16.76
C VAL B 100 15.13 -7.95 17.93
N VAL B 101 14.58 -8.12 19.12
CA VAL B 101 15.20 -7.59 20.34
C VAL B 101 14.69 -8.37 21.54
N GLY B 102 15.54 -8.53 22.55
CA GLY B 102 15.19 -9.33 23.71
C GLY B 102 15.44 -10.79 23.42
N GLY B 103 15.32 -11.62 24.47
CA GLY B 103 15.53 -13.05 24.34
C GLY B 103 16.50 -13.57 25.39
N SER B 112 22.64 -9.80 23.79
CA SER B 112 23.61 -8.73 23.94
C SER B 112 23.09 -7.42 23.35
N CYS B 113 22.45 -7.51 22.19
CA CYS B 113 21.82 -6.36 21.56
C CYS B 113 20.93 -6.81 20.41
N GLY B 114 20.10 -5.89 19.90
CA GLY B 114 19.13 -6.20 18.87
C GLY B 114 19.74 -6.38 17.49
N GLU B 115 19.00 -7.03 16.60
CA GLU B 115 19.44 -7.26 15.24
C GLU B 115 18.39 -6.83 14.23
N MET B 116 18.83 -6.56 13.01
CA MET B 116 17.97 -6.10 11.93
C MET B 116 18.27 -6.87 10.66
N TYR B 117 17.22 -7.26 9.94
CA TYR B 117 17.38 -8.09 8.75
C TYR B 117 17.37 -7.28 7.46
N ASP B 118 18.50 -7.28 6.77
CA ASP B 118 18.60 -6.72 5.43
C ASP B 118 18.10 -7.77 4.44
N SER B 119 16.98 -7.49 3.80
CA SER B 119 16.35 -8.45 2.90
C SER B 119 17.16 -8.64 1.62
N ASN B 120 17.93 -7.63 1.24
CA ASN B 120 18.68 -7.67 0.00
C ASN B 120 19.98 -8.48 0.12
N ILE B 121 20.85 -8.09 1.05
CA ILE B 121 22.14 -8.76 1.22
C ILE B 121 21.97 -10.11 1.91
N ASP B 122 20.80 -10.33 2.49
CA ASP B 122 20.52 -11.53 3.29
C ASP B 122 21.50 -11.64 4.46
N ASP B 123 21.40 -10.72 5.40
CA ASP B 123 22.24 -10.74 6.59
C ASP B 123 21.56 -10.01 7.73
N TRP B 124 21.91 -10.40 8.96
CA TRP B 124 21.41 -9.73 10.15
C TRP B 124 22.41 -8.70 10.65
N ILE B 125 22.08 -7.43 10.46
CA ILE B 125 22.92 -6.33 10.92
C ILE B 125 22.58 -6.00 12.37
N PRO B 126 23.59 -5.89 13.24
CA PRO B 126 23.26 -5.59 14.64
C PRO B 126 22.75 -4.16 14.82
N VAL B 127 21.95 -3.95 15.86
CA VAL B 127 21.50 -2.62 16.24
C VAL B 127 21.96 -2.37 17.68
N PRO B 128 23.20 -1.84 17.84
CA PRO B 128 23.81 -1.72 19.16
C PRO B 128 22.98 -0.91 20.16
N GLU B 129 22.11 -0.06 19.65
CA GLU B 129 21.32 0.83 20.50
C GLU B 129 20.12 0.10 21.09
N LEU B 130 19.50 -0.76 20.29
CA LEU B 130 18.37 -1.56 20.77
C LEU B 130 18.83 -2.56 21.82
N ARG B 131 18.44 -2.30 23.06
CA ARG B 131 18.78 -3.18 24.18
C ARG B 131 17.70 -3.11 25.25
N THR B 132 17.42 -4.25 25.87
CA THR B 132 16.41 -4.32 26.93
C THR B 132 16.77 -5.39 27.96
N ASN B 133 16.22 -5.24 29.16
CA ASN B 133 16.37 -6.22 30.22
C ASN B 133 15.16 -7.15 30.29
N ARG B 134 14.02 -6.64 29.87
CA ARG B 134 12.75 -7.32 30.08
C ARG B 134 12.60 -8.61 29.30
N CYS B 135 12.12 -9.64 29.99
CA CYS B 135 11.84 -10.93 29.39
C CYS B 135 10.34 -11.06 29.16
N ASN B 136 9.97 -11.74 28.08
CA ASN B 136 8.56 -11.96 27.75
C ASN B 136 7.78 -10.67 27.60
N ALA B 137 8.40 -9.67 26.98
CA ALA B 137 7.74 -8.40 26.73
C ALA B 137 7.04 -8.45 25.37
N GLY B 138 6.03 -7.61 25.20
CA GLY B 138 5.39 -7.46 23.91
C GLY B 138 6.15 -6.42 23.09
N VAL B 139 6.59 -6.83 21.90
CA VAL B 139 7.30 -5.93 20.99
C VAL B 139 6.52 -5.77 19.70
N CYS B 140 6.26 -4.52 19.30
CA CYS B 140 5.46 -4.23 18.13
C CYS B 140 5.78 -2.87 17.54
N ALA B 141 5.68 -2.76 16.22
CA ALA B 141 5.99 -1.53 15.51
C ALA B 141 4.70 -0.79 15.14
N LEU B 142 4.79 0.53 15.12
CA LEU B 142 3.65 1.38 14.79
C LEU B 142 4.10 2.79 14.42
N ASN B 143 3.69 3.24 13.25
CA ASN B 143 4.01 4.58 12.73
C ASN B 143 5.52 4.83 12.66
N GLY B 144 6.29 3.77 12.51
CA GLY B 144 7.73 3.89 12.33
C GLY B 144 8.51 3.84 13.63
N LYS B 145 7.84 3.43 14.70
CA LYS B 145 8.48 3.36 16.02
C LYS B 145 8.23 2.01 16.67
N LEU B 146 9.21 1.56 17.46
CA LEU B 146 9.16 0.24 18.07
C LEU B 146 8.77 0.35 19.55
N TYR B 147 7.63 -0.23 19.89
CA TYR B 147 7.14 -0.22 21.26
C TYR B 147 7.51 -1.50 22.00
N ILE B 148 7.90 -1.35 23.26
CA ILE B 148 8.09 -2.51 24.13
C ILE B 148 7.12 -2.39 25.30
N VAL B 149 6.39 -3.46 25.57
CA VAL B 149 5.25 -3.43 26.49
C VAL B 149 5.30 -4.56 27.50
N GLY B 150 5.22 -4.20 28.78
CA GLY B 150 5.20 -5.18 29.85
C GLY B 150 6.47 -5.99 29.92
N GLY B 151 6.33 -7.26 30.30
CA GLY B 151 7.47 -8.13 30.51
C GLY B 151 7.67 -8.35 32.00
N SER B 152 8.83 -8.87 32.38
CA SER B 152 9.14 -9.15 33.78
C SER B 152 10.51 -8.58 34.16
N LYS B 158 7.27 -12.34 37.79
CA LYS B 158 6.18 -11.38 37.95
C LYS B 158 6.26 -10.31 36.86
N GLY B 159 5.11 -9.72 36.53
CA GLY B 159 5.02 -8.81 35.40
C GLY B 159 5.19 -7.34 35.69
N LEU B 160 5.18 -6.53 34.63
CA LEU B 160 5.40 -5.09 34.73
C LEU B 160 4.34 -4.31 33.97
N LYS B 161 4.21 -3.02 34.30
CA LYS B 161 3.30 -2.11 33.62
C LYS B 161 4.06 -1.21 32.65
N ASN B 162 5.37 -1.19 32.79
CA ASN B 162 6.23 -0.28 32.03
C ASN B 162 6.06 -0.42 30.52
N CYS B 163 5.94 0.74 29.86
CA CYS B 163 5.92 0.80 28.40
C CYS B 163 6.95 1.81 27.92
N ASP B 164 7.63 1.47 26.84
CA ASP B 164 8.64 2.35 26.27
C ASP B 164 8.62 2.24 24.75
N VAL B 165 9.05 3.32 24.09
CA VAL B 165 9.06 3.40 22.63
C VAL B 165 10.45 3.79 22.15
N PHE B 166 10.85 3.23 21.02
CA PHE B 166 12.17 3.46 20.45
C PHE B 166 12.07 4.15 19.10
N ASP B 167 12.65 5.34 19.01
CA ASP B 167 12.69 6.07 17.75
C ASP B 167 14.00 5.73 17.02
N PRO B 168 13.90 5.00 15.90
CA PRO B 168 15.14 4.58 15.22
C PRO B 168 15.94 5.75 14.66
N VAL B 169 15.28 6.89 14.45
CA VAL B 169 15.95 8.08 13.94
C VAL B 169 16.88 8.65 15.01
N THR B 170 16.31 8.91 16.18
CA THR B 170 17.07 9.46 17.30
C THR B 170 17.81 8.36 18.05
N LYS B 171 17.33 7.13 17.89
CA LYS B 171 17.88 5.98 18.61
C LYS B 171 17.76 6.16 20.11
N LEU B 172 16.70 6.83 20.53
CA LEU B 172 16.41 7.05 21.95
C LEU B 172 15.20 6.23 22.42
N TRP B 173 15.24 5.82 23.69
CA TRP B 173 14.06 5.28 24.35
C TRP B 173 13.33 6.39 25.07
N THR B 174 12.00 6.38 24.99
CA THR B 174 11.17 7.23 25.83
C THR B 174 9.99 6.40 26.33
N SER B 175 9.41 6.80 27.45
CA SER B 175 8.36 6.03 28.09
C SER B 175 6.98 6.42 27.57
N CYS B 176 6.08 5.44 27.55
CA CYS B 176 4.69 5.66 27.20
C CYS B 176 3.85 5.58 28.46
N ALA B 177 2.54 5.70 28.31
CA ALA B 177 1.62 5.44 29.41
C ALA B 177 1.80 3.99 29.87
N PRO B 178 1.71 3.76 31.19
CA PRO B 178 1.85 2.39 31.68
C PRO B 178 0.57 1.58 31.52
N LEU B 179 0.68 0.26 31.59
CA LEU B 179 -0.48 -0.62 31.52
C LEU B 179 -1.35 -0.44 32.75
N ASN B 180 -2.65 -0.72 32.61
CA ASN B 180 -3.57 -0.72 33.74
C ASN B 180 -3.29 -1.95 34.61
N ILE B 181 -2.90 -3.04 33.96
CA ILE B 181 -2.62 -4.30 34.63
C ILE B 181 -1.26 -4.82 34.16
N ARG B 182 -0.41 -5.18 35.12
CA ARG B 182 0.93 -5.69 34.80
C ARG B 182 0.85 -7.03 34.07
N ARG B 183 1.70 -7.20 33.06
CA ARG B 183 1.65 -8.37 32.18
C ARG B 183 3.02 -8.83 31.69
N HIS B 184 3.17 -10.13 31.54
CA HIS B 184 4.25 -10.71 30.77
C HIS B 184 3.70 -11.89 29.98
N GLN B 185 4.38 -12.26 28.90
CA GLN B 185 3.94 -13.34 28.03
C GLN B 185 2.57 -13.06 27.43
N SER B 186 2.33 -11.82 27.03
CA SER B 186 1.08 -11.45 26.37
C SER B 186 1.23 -11.56 24.87
N ALA B 187 0.09 -11.66 24.18
CA ALA B 187 0.05 -11.53 22.74
C ALA B 187 -0.11 -10.05 22.40
N VAL B 188 0.62 -9.58 21.40
CA VAL B 188 0.58 -8.16 21.04
C VAL B 188 0.58 -7.98 19.52
N CYS B 189 -0.23 -7.03 19.06
CA CYS B 189 -0.30 -6.72 17.64
C CYS B 189 -0.78 -5.30 17.40
N GLU B 190 -0.89 -4.92 16.14
CA GLU B 190 -1.31 -3.58 15.76
C GLU B 190 -2.43 -3.64 14.74
N LEU B 191 -3.41 -2.73 14.88
CA LEU B 191 -4.55 -2.69 13.99
C LEU B 191 -5.29 -1.36 14.10
N GLY B 192 -5.42 -0.67 12.97
CA GLY B 192 -6.16 0.58 12.93
C GLY B 192 -5.50 1.69 13.70
N GLY B 193 -4.17 1.63 13.83
CA GLY B 193 -3.41 2.66 14.48
C GLY B 193 -3.24 2.45 15.98
N TYR B 194 -3.89 1.43 16.52
CA TYR B 194 -3.78 1.13 17.95
C TYR B 194 -2.95 -0.12 18.22
N LEU B 195 -2.33 -0.17 19.40
CA LEU B 195 -1.67 -1.39 19.86
C LEU B 195 -2.62 -2.16 20.76
N TYR B 196 -2.75 -3.46 20.50
CA TYR B 196 -3.49 -4.35 21.39
C TYR B 196 -2.52 -5.24 22.13
N ILE B 197 -2.65 -5.31 23.45
CA ILE B 197 -1.95 -6.31 24.24
C ILE B 197 -3.00 -7.23 24.86
N ILE B 198 -2.77 -8.53 24.72
CA ILE B 198 -3.82 -9.53 24.90
C ILE B 198 -3.42 -10.60 25.90
N GLY B 199 -4.24 -10.80 26.92
CA GLY B 199 -4.00 -11.83 27.91
C GLY B 199 -2.67 -11.66 28.61
N GLY B 200 -2.00 -12.78 28.85
CA GLY B 200 -0.71 -12.79 29.52
C GLY B 200 -0.77 -13.53 30.84
N ALA B 201 0.17 -13.23 31.73
CA ALA B 201 0.19 -13.84 33.05
C ALA B 201 0.58 -12.82 34.12
N GLU B 202 0.12 -13.09 35.34
CA GLU B 202 0.47 -12.27 36.50
C GLU B 202 0.73 -13.19 37.69
N SER B 203 2.00 -13.56 37.86
CA SER B 203 2.40 -14.47 38.93
C SER B 203 1.64 -15.79 38.89
N TRP B 204 2.07 -16.70 38.00
CA TRP B 204 1.51 -18.04 37.89
C TRP B 204 0.00 -18.04 37.61
N ASN B 205 -0.53 -16.90 37.17
CA ASN B 205 -1.96 -16.77 36.91
C ASN B 205 -2.22 -16.14 35.55
N CYS B 206 -3.05 -16.82 34.75
CA CYS B 206 -3.34 -16.38 33.39
C CYS B 206 -4.42 -15.31 33.35
N LEU B 207 -4.31 -14.42 32.38
CA LEU B 207 -5.22 -13.29 32.23
C LEU B 207 -6.06 -13.42 30.97
N ASN B 208 -7.25 -12.80 30.98
CA ASN B 208 -8.09 -12.73 29.79
C ASN B 208 -8.37 -11.29 29.41
N THR B 209 -7.99 -10.36 30.28
CA THR B 209 -8.12 -8.94 29.99
C THR B 209 -7.21 -8.55 28.83
N VAL B 210 -7.60 -7.51 28.10
CA VAL B 210 -6.79 -7.00 27.00
C VAL B 210 -6.87 -5.48 27.00
N GLU B 211 -5.79 -4.83 26.57
CA GLU B 211 -5.70 -3.38 26.59
C GLU B 211 -5.37 -2.82 25.22
N ARG B 212 -5.95 -1.66 24.90
CA ARG B 212 -5.68 -0.96 23.65
C ARG B 212 -4.94 0.33 23.91
N TYR B 213 -3.94 0.61 23.09
CA TYR B 213 -3.14 1.83 23.23
C TYR B 213 -3.37 2.79 22.07
N ASN B 214 -3.63 4.05 22.40
CA ASN B 214 -3.84 5.10 21.41
C ASN B 214 -2.66 6.07 21.44
N PRO B 215 -1.80 6.04 20.40
CA PRO B 215 -0.57 6.83 20.46
C PRO B 215 -0.76 8.36 20.44
N GLU B 216 -1.87 8.84 19.87
CA GLU B 216 -2.03 10.28 19.70
C GLU B 216 -2.44 11.00 21.00
N ASN B 217 -2.77 10.22 22.03
CA ASN B 217 -3.08 10.81 23.35
C ASN B 217 -2.45 10.05 24.51
N ASN B 218 -1.64 9.04 24.20
CA ASN B 218 -0.92 8.25 25.20
C ASN B 218 -1.82 7.73 26.32
N THR B 219 -2.77 6.89 25.97
CA THR B 219 -3.62 6.23 26.97
C THR B 219 -3.81 4.75 26.62
N TRP B 220 -3.78 3.93 27.67
CA TRP B 220 -4.20 2.54 27.55
C TRP B 220 -5.66 2.45 27.97
N THR B 221 -6.41 1.56 27.33
CA THR B 221 -7.81 1.37 27.64
C THR B 221 -8.16 -0.12 27.74
N LEU B 222 -8.67 -0.53 28.90
CA LEU B 222 -9.17 -1.89 29.06
C LEU B 222 -10.44 -2.06 28.25
N ILE B 223 -10.43 -3.03 27.34
CA ILE B 223 -11.57 -3.29 26.48
C ILE B 223 -12.13 -4.69 26.78
N ALA B 224 -13.06 -5.14 25.96
CA ALA B 224 -13.74 -6.42 26.19
C ALA B 224 -12.73 -7.56 26.40
N PRO B 225 -12.81 -8.27 27.53
CA PRO B 225 -11.85 -9.35 27.79
C PRO B 225 -12.17 -10.62 26.99
N MET B 226 -11.18 -11.48 26.83
CA MET B 226 -11.36 -12.73 26.09
C MET B 226 -12.30 -13.69 26.82
N ASN B 227 -12.80 -14.68 26.10
CA ASN B 227 -13.60 -15.75 26.68
C ASN B 227 -12.76 -16.70 27.50
N VAL B 228 -11.50 -16.86 27.11
CA VAL B 228 -10.57 -17.77 27.78
C VAL B 228 -9.26 -17.05 28.12
N ALA B 229 -8.79 -17.22 29.35
CA ALA B 229 -7.53 -16.63 29.78
C ALA B 229 -6.37 -17.44 29.23
N ARG B 230 -5.35 -16.74 28.74
CA ARG B 230 -4.18 -17.38 28.12
C ARG B 230 -2.90 -16.64 28.42
N ARG B 231 -1.81 -17.39 28.55
CA ARG B 231 -0.47 -16.82 28.44
C ARG B 231 0.26 -17.55 27.31
N GLY B 232 1.15 -16.85 26.62
CA GLY B 232 1.89 -17.45 25.54
C GLY B 232 1.02 -17.77 24.34
N ALA B 233 -0.02 -16.97 24.15
CA ALA B 233 -0.87 -17.08 22.97
C ALA B 233 -0.28 -16.22 21.85
N GLY B 234 -0.64 -16.54 20.61
CA GLY B 234 -0.20 -15.77 19.47
C GLY B 234 -1.39 -15.09 18.83
N VAL B 235 -1.13 -14.02 18.08
CA VAL B 235 -2.20 -13.26 17.44
C VAL B 235 -1.83 -12.92 15.99
N ALA B 236 -2.83 -12.96 15.12
CA ALA B 236 -2.68 -12.52 13.73
C ALA B 236 -3.79 -11.52 13.40
N VAL B 237 -3.51 -10.65 12.43
CA VAL B 237 -4.51 -9.70 11.94
C VAL B 237 -5.02 -10.14 10.57
N LEU B 238 -6.33 -10.03 10.36
CA LEU B 238 -6.93 -10.43 9.10
C LEU B 238 -8.33 -9.86 8.95
N ASN B 239 -8.59 -9.24 7.80
CA ASN B 239 -9.91 -8.72 7.48
C ASN B 239 -10.37 -7.70 8.54
N GLY B 240 -9.40 -7.02 9.14
CA GLY B 240 -9.69 -5.98 10.11
C GLY B 240 -10.04 -6.51 11.49
N LYS B 241 -9.65 -7.75 11.76
CA LYS B 241 -9.96 -8.38 13.04
C LYS B 241 -8.75 -9.10 13.61
N LEU B 242 -8.74 -9.29 14.92
CA LEU B 242 -7.66 -10.01 15.60
C LEU B 242 -8.05 -11.47 15.81
N PHE B 243 -7.12 -12.38 15.55
CA PHE B 243 -7.33 -13.80 15.85
C PHE B 243 -6.29 -14.29 16.83
N VAL B 244 -6.69 -14.45 18.09
CA VAL B 244 -5.80 -14.99 19.11
C VAL B 244 -5.88 -16.50 19.06
N CYS B 245 -4.73 -17.17 19.04
CA CYS B 245 -4.69 -18.61 18.82
C CYS B 245 -3.86 -19.33 19.89
N GLY B 246 -4.43 -20.39 20.44
CA GLY B 246 -3.71 -21.26 21.35
C GLY B 246 -3.27 -20.58 22.64
N GLY B 247 -2.11 -21.00 23.13
CA GLY B 247 -1.59 -20.51 24.41
C GLY B 247 -1.74 -21.53 25.51
N PHE B 248 -1.67 -21.06 26.75
CA PHE B 248 -1.71 -21.93 27.93
C PHE B 248 -2.69 -21.35 28.95
N ASP B 249 -3.69 -22.14 29.34
CA ASP B 249 -4.78 -21.64 30.16
C ASP B 249 -4.56 -21.90 31.66
N GLY B 250 -3.38 -22.37 32.02
CA GLY B 250 -3.06 -22.67 33.40
C GLY B 250 -2.97 -24.16 33.68
N SER B 251 -3.51 -24.97 32.77
CA SER B 251 -3.51 -26.42 32.92
C SER B 251 -3.11 -27.10 31.62
N HIS B 252 -3.78 -26.70 30.54
CA HIS B 252 -3.54 -27.25 29.22
C HIS B 252 -2.85 -26.25 28.32
N ALA B 253 -2.01 -26.74 27.41
CA ALA B 253 -1.76 -26.03 26.18
C ALA B 253 -3.04 -26.22 25.38
N ILE B 254 -3.56 -25.15 24.80
CA ILE B 254 -4.90 -25.18 24.21
C ILE B 254 -4.88 -24.94 22.71
N SER B 255 -6.03 -25.18 22.09
CA SER B 255 -6.19 -24.99 20.65
C SER B 255 -7.29 -23.97 20.36
N CYS B 256 -7.83 -23.36 21.42
CA CYS B 256 -8.87 -22.35 21.29
C CYS B 256 -8.44 -21.21 20.39
N VAL B 257 -9.36 -20.72 19.57
CA VAL B 257 -9.12 -19.54 18.75
C VAL B 257 -10.27 -18.56 18.90
N GLU B 258 -9.95 -17.33 19.29
CA GLU B 258 -10.95 -16.28 19.47
C GLU B 258 -10.70 -15.12 18.52
N MET B 259 -11.78 -14.60 17.95
CA MET B 259 -11.70 -13.48 17.01
C MET B 259 -12.29 -12.22 17.62
N TYR B 260 -11.52 -11.12 17.57
CA TYR B 260 -11.98 -9.84 18.08
C TYR B 260 -12.28 -8.87 16.95
N ASP B 261 -13.50 -8.31 16.98
CA ASP B 261 -13.94 -7.33 15.99
C ASP B 261 -13.99 -5.93 16.61
N PRO B 262 -13.03 -5.05 16.25
CA PRO B 262 -12.93 -3.72 16.86
C PRO B 262 -14.23 -2.91 16.83
N THR B 263 -15.02 -3.10 15.79
CA THR B 263 -16.24 -2.30 15.60
C THR B 263 -17.38 -2.76 16.51
N ARG B 264 -17.24 -3.93 17.12
CA ARG B 264 -18.26 -4.49 18.00
C ARG B 264 -17.75 -4.62 19.43
N ASN B 265 -16.43 -4.54 19.61
CA ASN B 265 -15.79 -4.72 20.91
C ASN B 265 -16.27 -6.00 21.58
N GLU B 266 -16.17 -7.11 20.87
CA GLU B 266 -16.56 -8.41 21.41
C GLU B 266 -15.71 -9.53 20.85
N TRP B 267 -15.61 -10.62 21.61
CA TRP B 267 -14.85 -11.79 21.22
C TRP B 267 -15.80 -12.92 20.86
N LYS B 268 -15.44 -13.71 19.85
CA LYS B 268 -16.24 -14.87 19.45
C LYS B 268 -15.39 -16.10 19.21
N MET B 269 -15.81 -17.22 19.79
CA MET B 269 -15.10 -18.49 19.67
C MET B 269 -15.12 -18.99 18.23
N MET B 270 -13.94 -19.12 17.64
CA MET B 270 -13.80 -19.60 16.28
C MET B 270 -13.42 -21.08 16.27
N GLY B 271 -13.09 -21.60 15.08
CA GLY B 271 -12.68 -22.99 14.96
C GLY B 271 -11.39 -23.29 15.69
N ASN B 272 -11.30 -24.47 16.27
CA ASN B 272 -10.10 -24.89 16.99
C ASN B 272 -8.95 -25.25 16.06
N MET B 273 -7.73 -25.01 16.52
CA MET B 273 -6.53 -25.43 15.78
C MET B 273 -6.44 -26.95 15.75
N THR B 274 -5.56 -27.46 14.89
CA THR B 274 -5.37 -28.90 14.75
C THR B 274 -4.73 -29.49 16.00
N SER B 275 -3.71 -28.82 16.51
CA SER B 275 -2.99 -29.26 17.70
C SER B 275 -3.09 -28.20 18.79
N PRO B 276 -3.02 -28.62 20.06
CA PRO B 276 -2.82 -27.63 21.11
C PRO B 276 -1.44 -26.99 20.99
N ARG B 277 -1.38 -25.66 20.91
CA ARG B 277 -0.11 -24.95 20.79
C ARG B 277 -0.03 -23.78 21.77
N SER B 278 0.99 -23.79 22.60
CA SER B 278 1.33 -22.62 23.41
C SER B 278 2.73 -22.16 23.01
N ASN B 279 2.94 -20.84 23.06
CA ASN B 279 4.19 -20.23 22.61
C ASN B 279 4.50 -20.57 21.16
N ALA B 280 3.45 -20.60 20.34
CA ALA B 280 3.59 -20.87 18.91
C ALA B 280 3.86 -19.60 18.12
N GLY B 281 4.02 -19.75 16.82
CA GLY B 281 4.18 -18.61 15.92
C GLY B 281 2.88 -18.40 15.14
N ILE B 282 2.23 -17.26 15.38
CA ILE B 282 0.96 -16.93 14.74
C ILE B 282 1.12 -15.67 13.90
N ALA B 283 0.88 -15.80 12.60
CA ALA B 283 1.07 -14.68 11.68
C ALA B 283 0.27 -14.88 10.40
N THR B 284 -0.18 -13.76 9.83
CA THR B 284 -0.85 -13.76 8.54
C THR B 284 0.15 -13.54 7.40
N VAL B 285 0.17 -14.45 6.44
CA VAL B 285 0.93 -14.25 5.22
C VAL B 285 -0.03 -14.39 4.04
N GLY B 286 0.10 -13.50 3.07
CA GLY B 286 -0.90 -13.39 2.02
C GLY B 286 -2.18 -12.90 2.66
N ASN B 287 -3.18 -13.78 2.75
CA ASN B 287 -4.41 -13.48 3.46
C ASN B 287 -4.97 -14.73 4.12
N THR B 288 -4.06 -15.58 4.59
CA THR B 288 -4.40 -16.76 5.38
C THR B 288 -3.55 -16.79 6.64
N ILE B 289 -4.14 -17.25 7.74
CA ILE B 289 -3.43 -17.29 9.02
C ILE B 289 -2.71 -18.63 9.18
N TYR B 290 -1.45 -18.55 9.60
CA TYR B 290 -0.65 -19.75 9.85
C TYR B 290 -0.35 -19.90 11.34
N ALA B 291 -0.21 -21.15 11.78
CA ALA B 291 0.21 -21.46 13.14
C ALA B 291 1.34 -22.49 13.09
N VAL B 292 2.53 -22.07 13.47
CA VAL B 292 3.72 -22.93 13.38
C VAL B 292 4.39 -23.10 14.74
N GLY B 293 4.89 -24.31 14.99
CA GLY B 293 5.63 -24.60 16.20
C GLY B 293 4.77 -24.60 17.44
N GLY B 294 5.38 -24.29 18.58
CA GLY B 294 4.68 -24.21 19.85
C GLY B 294 4.92 -25.45 20.69
N PHE B 295 4.33 -25.45 21.89
CA PHE B 295 4.46 -26.57 22.82
C PHE B 295 3.14 -27.32 22.94
N ASP B 296 3.24 -28.65 22.95
CA ASP B 296 2.07 -29.52 22.91
C ASP B 296 1.48 -29.74 24.30
N GLY B 297 2.26 -29.41 25.32
CA GLY B 297 1.98 -29.86 26.68
C GLY B 297 2.79 -31.11 26.95
N ASN B 298 3.38 -31.67 25.89
CA ASN B 298 4.21 -32.87 25.99
C ASN B 298 5.51 -32.69 25.22
N GLU B 299 5.40 -32.13 24.01
CA GLU B 299 6.55 -32.04 23.10
C GLU B 299 6.57 -30.69 22.39
N PHE B 300 7.77 -30.29 21.97
CA PHE B 300 7.91 -29.11 21.13
C PHE B 300 7.57 -29.47 19.69
N LEU B 301 6.78 -28.62 19.05
CA LEU B 301 6.25 -28.91 17.72
C LEU B 301 7.10 -28.28 16.61
N ASN B 302 7.14 -28.96 15.47
CA ASN B 302 7.69 -28.39 14.24
C ASN B 302 6.59 -28.29 13.17
N THR B 303 5.36 -28.58 13.58
CA THR B 303 4.22 -28.63 12.67
C THR B 303 3.76 -27.23 12.28
N VAL B 304 3.19 -27.12 11.09
CA VAL B 304 2.54 -25.89 10.63
C VAL B 304 1.11 -26.23 10.17
N GLU B 305 0.20 -25.27 10.31
CA GLU B 305 -1.17 -25.46 9.86
C GLU B 305 -1.80 -24.13 9.47
N VAL B 306 -2.86 -24.18 8.67
CA VAL B 306 -3.52 -22.98 8.15
C VAL B 306 -4.95 -22.86 8.62
N TYR B 307 -5.43 -21.62 8.66
CA TYR B 307 -6.82 -21.32 8.95
C TYR B 307 -7.50 -20.79 7.69
N ASN B 308 -8.70 -21.31 7.42
CA ASN B 308 -9.50 -20.81 6.30
C ASN B 308 -10.67 -19.97 6.82
N LEU B 309 -10.65 -18.69 6.48
CA LEU B 309 -11.64 -17.74 6.99
C LEU B 309 -13.04 -18.09 6.54
N GLU B 310 -13.17 -18.57 5.31
CA GLU B 310 -14.48 -18.83 4.73
C GLU B 310 -15.20 -20.00 5.40
N SER B 311 -14.43 -21.04 5.76
CA SER B 311 -15.02 -22.24 6.34
C SER B 311 -14.92 -22.25 7.87
N ASN B 312 -14.08 -21.37 8.41
CA ASN B 312 -13.85 -21.32 9.86
C ASN B 312 -13.35 -22.68 10.36
N GLU B 313 -12.40 -23.26 9.64
CA GLU B 313 -11.79 -24.52 10.03
C GLU B 313 -10.28 -24.47 9.81
N TRP B 314 -9.55 -25.20 10.64
CA TRP B 314 -8.10 -25.32 10.50
C TRP B 314 -7.76 -26.62 9.79
N SER B 315 -6.65 -26.61 9.07
CA SER B 315 -6.21 -27.79 8.32
C SER B 315 -4.69 -27.92 8.35
N PRO B 316 -4.17 -29.15 8.54
CA PRO B 316 -2.73 -29.37 8.46
C PRO B 316 -2.28 -29.84 7.07
N TYR B 317 -3.19 -29.80 6.10
CA TYR B 317 -2.91 -30.32 4.76
C TYR B 317 -2.76 -29.20 3.74
N THR B 318 -2.38 -29.57 2.52
CA THR B 318 -2.27 -28.62 1.41
C THR B 318 -2.60 -29.31 0.09
#